data_3RU3
#
_entry.id   3RU3
#
_cell.length_a   120.943
_cell.length_b   120.943
_cell.length_c   154.802
_cell.angle_alpha   90.000
_cell.angle_beta   90.000
_cell.angle_gamma   90.000
#
_symmetry.space_group_name_H-M   'I 4 2 2'
#
loop_
_entity.id
_entity.type
_entity.pdbx_description
1 polymer 'Putative uncharacterized protein'
2 polymer 'Unknown peptide, probably from expression host'
3 non-polymer 'POTASSIUM ION'
4 non-polymer 'MAGNESIUM ION'
5 non-polymer 'NADPH DIHYDRO-NICOTINAMIDE-ADENINE-DINUCLEOTIDE PHOSPHATE'
6 non-polymer "ADENOSINE-5'-TRIPHOSPHATE"
7 non-polymer 'BETA-6-HYDROXY-1,4,5,6-TETRAHYDRONICOTINAMIDE ADENINE DINUCLEOTIDE PHOSPHATE'
8 water water
#
loop_
_entity_poly.entity_id
_entity_poly.type
_entity_poly.pdbx_seq_one_letter_code
_entity_poly.pdbx_strand_id
1 'polypeptide(L)'
;MGSDKIHHHHHHMKEIDELTIKEYGVDSRILMERAGISVVLAMEEELGNLSDYRFLVLCGGGNNGGDGFVVARNLLGVVK
DVLVVFLGKKKTPDCEYNYGLYKKFGGKVVEQFEPSILNEFDVVVDAIFGTGLRGEITGEYAEIINLVNKSGKVVVSVDV
PSGIDSNTGKVLRTAVKADLTVTFGVPKIGHILFPGRDLTGKLKVANIGHPVHLINSINRYVITREMVRSLLPERPRDSH
KGTYGKVLIIAGSRLYSGAPVLSGMGSLKVGTGLVKLAVPFPQNLIATSRFPELISVPIDTEKGFFSLQNLQECLELSKD
VDVVAIGPGLGNNEHVREFVNEFLKTLEKPAVIDADAINVLDTSVLKERKSPAVLTPHPGEMARLVKKTVGDVKYNYELA
EEFAKENDCVLVLKSATTIVTDGEKTLFNITGNTGLSKGGSGDVLTGMIAGFIAQGLSPLEASTVSVYLHGFAAELFEQD
ERGLTASELLRLIPEAIRRLKE
;
A
2 'polypeptide(L)' AWLFEA B
#
# COMPACT_ATOMS: atom_id res chain seq x y z
N MET A 13 -15.24 -1.89 -11.16
CA MET A 13 -16.12 -2.17 -10.00
C MET A 13 -17.52 -1.58 -10.19
N LYS A 14 -17.58 -0.34 -10.68
CA LYS A 14 -18.83 0.22 -11.16
C LYS A 14 -19.16 -0.55 -12.45
N GLU A 15 -18.13 -0.88 -13.22
CA GLU A 15 -18.24 -1.73 -14.38
C GLU A 15 -18.66 -3.12 -13.93
N ILE A 16 -18.31 -3.48 -12.70
CA ILE A 16 -18.57 -4.83 -12.19
C ILE A 16 -20.03 -5.05 -11.72
N ASP A 17 -20.60 -4.06 -11.04
CA ASP A 17 -21.99 -4.14 -10.68
C ASP A 17 -22.81 -4.19 -11.97
N GLU A 18 -22.50 -3.24 -12.87
CA GLU A 18 -23.10 -3.15 -14.19
C GLU A 18 -23.07 -4.52 -14.90
N LEU A 19 -21.88 -5.11 -15.00
CA LEU A 19 -21.73 -6.35 -15.76
C LEU A 19 -22.56 -7.50 -15.15
N THR A 20 -22.61 -7.54 -13.82
CA THR A 20 -23.25 -8.64 -13.08
C THR A 20 -24.74 -8.51 -13.19
N ILE A 21 -25.19 -7.27 -13.29
CA ILE A 21 -26.60 -6.98 -13.58
C ILE A 21 -26.88 -7.24 -15.10
N LYS A 22 -26.22 -6.47 -15.95
CA LYS A 22 -26.57 -6.30 -17.36
C LYS A 22 -26.26 -7.60 -18.11
N GLU A 23 -25.06 -8.18 -17.87
CA GLU A 23 -24.64 -9.43 -18.57
C GLU A 23 -24.96 -10.71 -17.81
N TYR A 24 -24.67 -10.76 -16.53
CA TYR A 24 -24.90 -12.01 -15.78
C TYR A 24 -26.36 -12.13 -15.31
N GLY A 25 -27.09 -11.03 -15.26
CA GLY A 25 -28.48 -11.11 -14.94
C GLY A 25 -28.87 -11.13 -13.50
N VAL A 26 -27.98 -10.68 -12.62
CA VAL A 26 -28.37 -10.58 -11.21
C VAL A 26 -29.16 -9.29 -11.01
N ASP A 27 -30.41 -9.40 -10.61
CA ASP A 27 -31.20 -8.21 -10.23
C ASP A 27 -30.40 -7.33 -9.30
N SER A 28 -30.43 -6.05 -9.58
CA SER A 28 -29.72 -5.07 -8.81
C SER A 28 -30.22 -4.97 -7.37
N ARG A 29 -31.49 -5.34 -7.16
CA ARG A 29 -32.06 -5.40 -5.81
C ARG A 29 -31.50 -6.53 -4.97
N ILE A 30 -31.20 -7.63 -5.63
CA ILE A 30 -30.54 -8.75 -4.99
C ILE A 30 -29.12 -8.35 -4.56
N LEU A 31 -28.40 -7.62 -5.41
CA LEU A 31 -27.05 -7.16 -5.05
C LEU A 31 -27.17 -6.22 -3.87
N MET A 32 -28.15 -5.33 -3.89
CA MET A 32 -28.36 -4.40 -2.80
C MET A 32 -28.64 -5.14 -1.47
N GLU A 33 -29.56 -6.11 -1.54
CA GLU A 33 -29.93 -6.87 -0.36
C GLU A 33 -28.73 -7.53 0.23
N ARG A 34 -27.89 -8.13 -0.63
CA ARG A 34 -26.73 -8.87 -0.14
C ARG A 34 -25.79 -7.84 0.50
N ALA A 35 -25.73 -6.65 -0.04
CA ALA A 35 -24.85 -5.64 0.54
C ALA A 35 -25.25 -5.27 2.01
N GLY A 36 -26.51 -5.00 2.19
CA GLY A 36 -27.03 -4.58 3.46
C GLY A 36 -26.92 -5.65 4.50
N ILE A 37 -27.30 -6.90 4.19
CA ILE A 37 -27.19 -7.94 5.22
C ILE A 37 -25.70 -8.16 5.54
N SER A 38 -24.81 -7.96 4.58
CA SER A 38 -23.45 -8.25 4.87
C SER A 38 -22.93 -7.22 5.88
N VAL A 39 -23.41 -5.99 5.77
CA VAL A 39 -23.05 -4.98 6.77
C VAL A 39 -23.57 -5.41 8.16
N VAL A 40 -24.80 -5.89 8.23
CA VAL A 40 -25.36 -6.35 9.49
C VAL A 40 -24.51 -7.42 10.10
N LEU A 41 -24.09 -8.41 9.31
CA LEU A 41 -23.26 -9.53 9.82
C LEU A 41 -21.87 -9.10 10.18
N ALA A 42 -21.34 -8.08 9.52
CA ALA A 42 -19.99 -7.62 9.85
C ALA A 42 -20.03 -6.90 11.21
N MET A 43 -21.06 -6.11 11.43
CA MET A 43 -21.26 -5.39 12.70
C MET A 43 -21.38 -6.38 13.84
N GLU A 44 -22.23 -7.39 13.65
CA GLU A 44 -22.41 -8.43 14.66
C GLU A 44 -21.09 -9.12 15.01
N GLU A 45 -20.30 -9.47 14.00
CA GLU A 45 -18.98 -10.04 14.15
C GLU A 45 -18.08 -9.13 14.94
N GLU A 46 -18.17 -7.84 14.72
CA GLU A 46 -17.31 -6.92 15.42
C GLU A 46 -17.85 -6.53 16.80
N LEU A 47 -19.17 -6.41 16.94
CA LEU A 47 -19.75 -5.86 18.16
C LEU A 47 -20.36 -6.90 19.10
N GLY A 48 -20.37 -8.16 18.68
CA GLY A 48 -21.15 -9.17 19.37
C GLY A 48 -22.61 -8.99 19.13
N ASN A 49 -23.40 -9.61 19.96
CA ASN A 49 -24.84 -9.58 19.84
C ASN A 49 -25.40 -8.16 19.75
N LEU A 50 -26.12 -7.89 18.67
CA LEU A 50 -26.53 -6.54 18.31
C LEU A 50 -27.78 -6.09 19.07
N SER A 51 -28.47 -6.99 19.79
CA SER A 51 -29.78 -6.59 20.35
C SER A 51 -29.69 -5.57 21.51
N ASP A 52 -28.51 -5.37 22.05
CA ASP A 52 -28.35 -4.38 23.10
C ASP A 52 -28.30 -2.96 22.58
N TYR A 53 -28.11 -2.78 21.27
CA TYR A 53 -27.77 -1.47 20.69
C TYR A 53 -28.92 -0.69 20.01
N ARG A 54 -28.81 0.61 20.09
CA ARG A 54 -29.71 1.46 19.37
C ARG A 54 -28.91 2.02 18.20
N PHE A 55 -29.49 1.90 17.01
CA PHE A 55 -28.82 2.20 15.74
C PHE A 55 -29.40 3.44 15.01
N LEU A 56 -28.51 4.35 14.61
CA LEU A 56 -28.90 5.55 13.85
C LEU A 56 -28.27 5.39 12.51
N VAL A 57 -29.12 5.19 11.52
CA VAL A 57 -28.66 4.92 10.18
C VAL A 57 -28.84 6.22 9.41
N LEU A 58 -27.73 6.69 8.82
CA LEU A 58 -27.72 7.98 8.06
C LEU A 58 -27.74 7.65 6.58
N CYS A 59 -28.80 8.03 5.87
CA CYS A 59 -29.00 7.56 4.47
C CYS A 59 -29.11 8.69 3.48
N GLY A 60 -28.27 8.68 2.45
CA GLY A 60 -28.40 9.58 1.31
C GLY A 60 -29.39 9.01 0.29
N GLY A 61 -29.57 9.64 -0.83
CA GLY A 61 -30.51 9.20 -1.80
C GLY A 61 -30.02 8.37 -2.97
N GLY A 62 -28.74 8.02 -3.02
CA GLY A 62 -28.20 7.11 -4.02
C GLY A 62 -28.23 5.70 -3.49
N ASN A 63 -27.58 4.80 -4.18
CA ASN A 63 -27.62 3.41 -3.76
C ASN A 63 -26.84 3.16 -2.48
N ASN A 64 -25.90 4.02 -2.15
CA ASN A 64 -25.25 3.87 -0.88
C ASN A 64 -26.29 3.96 0.27
N GLY A 65 -27.15 4.96 0.18
CA GLY A 65 -28.30 5.05 1.09
C GLY A 65 -29.24 3.88 1.00
N GLY A 66 -29.41 3.35 -0.20
CA GLY A 66 -30.25 2.15 -0.39
C GLY A 66 -29.75 0.97 0.41
N ASP A 67 -28.43 0.81 0.38
CA ASP A 67 -27.74 -0.17 1.17
C ASP A 67 -28.08 0.08 2.62
N GLY A 68 -28.00 1.34 3.01
CA GLY A 68 -28.40 1.76 4.37
C GLY A 68 -29.82 1.31 4.70
N PHE A 69 -30.77 1.50 3.79
CA PHE A 69 -32.16 1.12 4.11
C PHE A 69 -32.29 -0.37 4.39
N VAL A 70 -31.50 -1.17 3.69
CA VAL A 70 -31.47 -2.59 3.89
C VAL A 70 -30.97 -2.88 5.27
N VAL A 71 -29.88 -2.26 5.63
CA VAL A 71 -29.36 -2.50 6.95
C VAL A 71 -30.46 -2.18 7.94
N ALA A 72 -31.07 -1.00 7.78
CA ALA A 72 -32.04 -0.50 8.79
C ALA A 72 -33.21 -1.47 8.90
N ARG A 73 -33.72 -1.93 7.76
CA ARG A 73 -34.86 -2.82 7.74
C ARG A 73 -34.56 -4.12 8.46
N ASN A 74 -33.35 -4.60 8.29
CA ASN A 74 -32.94 -5.92 8.77
C ASN A 74 -32.59 -5.91 10.24
N LEU A 75 -32.37 -4.72 10.81
CA LEU A 75 -32.27 -4.57 12.26
C LEU A 75 -33.63 -4.40 12.95
N LEU A 76 -34.66 -4.02 12.22
CA LEU A 76 -36.01 -3.82 12.81
C LEU A 76 -36.50 -5.10 13.48
N GLY A 77 -36.78 -5.01 14.77
CA GLY A 77 -37.28 -6.13 15.52
C GLY A 77 -36.22 -6.86 16.32
N VAL A 78 -34.97 -6.70 15.93
CA VAL A 78 -33.93 -7.46 16.56
C VAL A 78 -33.09 -6.59 17.50
N VAL A 79 -33.11 -5.27 17.32
CA VAL A 79 -32.25 -4.41 18.14
C VAL A 79 -33.09 -3.51 19.08
N LYS A 80 -32.46 -2.86 20.05
CA LYS A 80 -33.26 -2.08 20.97
C LYS A 80 -34.00 -0.98 20.23
N ASP A 81 -33.37 -0.39 19.19
CA ASP A 81 -33.99 0.71 18.43
C ASP A 81 -33.26 0.96 17.12
N VAL A 82 -34.00 1.55 16.19
CA VAL A 82 -33.52 1.88 14.86
C VAL A 82 -34.12 3.20 14.46
N LEU A 83 -33.31 4.19 14.08
CA LEU A 83 -33.88 5.34 13.40
C LEU A 83 -33.14 5.61 12.10
N VAL A 84 -33.83 5.99 11.04
CA VAL A 84 -33.14 6.44 9.84
C VAL A 84 -33.29 7.93 9.69
N VAL A 85 -32.18 8.63 9.52
CA VAL A 85 -32.20 10.05 9.13
C VAL A 85 -31.93 10.03 7.66
N PHE A 86 -32.90 10.46 6.87
CA PHE A 86 -32.72 10.50 5.43
C PHE A 86 -32.34 11.92 4.99
N LEU A 87 -31.27 12.01 4.21
CA LEU A 87 -30.63 13.28 3.89
C LEU A 87 -30.52 13.53 2.39
N GLY A 88 -31.11 12.72 1.54
CA GLY A 88 -31.10 12.99 0.08
C GLY A 88 -32.33 13.78 -0.40
N LYS A 89 -32.24 14.37 -1.58
CA LYS A 89 -33.43 15.08 -2.11
C LYS A 89 -34.25 14.02 -2.83
N LYS A 90 -33.68 13.41 -3.86
CA LYS A 90 -34.35 12.36 -4.59
C LYS A 90 -33.80 10.97 -4.24
N LYS A 91 -34.49 9.91 -4.64
CA LYS A 91 -34.02 8.57 -4.37
C LYS A 91 -33.83 7.82 -5.68
N THR A 92 -32.70 7.12 -5.86
CA THR A 92 -32.53 6.22 -6.99
C THR A 92 -33.54 5.10 -6.84
N PRO A 93 -33.77 4.33 -7.89
CA PRO A 93 -34.85 3.36 -7.86
C PRO A 93 -34.67 2.32 -6.79
N ASP A 94 -33.47 1.79 -6.68
CA ASP A 94 -33.19 0.81 -5.67
C ASP A 94 -33.28 1.37 -4.26
N CYS A 95 -32.82 2.59 -4.09
CA CYS A 95 -32.94 3.26 -2.81
C CYS A 95 -34.40 3.45 -2.47
N GLU A 96 -35.16 3.78 -3.50
CA GLU A 96 -36.61 4.02 -3.36
C GLU A 96 -37.31 2.71 -2.98
N TYR A 97 -37.02 1.65 -3.70
CA TYR A 97 -37.53 0.34 -3.33
C TYR A 97 -37.25 0.12 -1.84
N ASN A 98 -36.02 0.35 -1.43
CA ASN A 98 -35.65 -0.07 -0.09
C ASN A 98 -36.16 0.82 1.02
N TYR A 99 -36.25 2.12 0.77
CA TYR A 99 -37.00 3.01 1.67
C TYR A 99 -38.42 2.50 1.80
N GLY A 100 -38.99 2.08 0.71
CA GLY A 100 -40.38 1.65 0.73
C GLY A 100 -40.59 0.45 1.60
N LEU A 101 -39.65 -0.50 1.54
CA LEU A 101 -39.70 -1.66 2.42
C LEU A 101 -39.44 -1.34 3.88
N TYR A 102 -38.51 -0.44 4.16
CA TYR A 102 -38.19 -0.07 5.53
C TYR A 102 -39.46 0.40 6.23
N LYS A 103 -40.18 1.29 5.55
CA LYS A 103 -41.38 1.86 6.07
C LYS A 103 -42.46 0.80 6.23
N LYS A 104 -42.60 -0.11 5.27
CA LYS A 104 -43.69 -1.13 5.32
C LYS A 104 -43.47 -2.11 6.48
N PHE A 105 -42.20 -2.39 6.79
CA PHE A 105 -41.86 -3.24 7.91
C PHE A 105 -41.96 -2.48 9.24
N GLY A 106 -42.29 -1.20 9.22
CA GLY A 106 -42.55 -0.44 10.46
C GLY A 106 -41.47 0.52 10.87
N GLY A 107 -40.47 0.74 10.02
CA GLY A 107 -39.34 1.54 10.39
C GLY A 107 -39.63 3.03 10.39
N LYS A 108 -38.89 3.77 11.21
CA LYS A 108 -39.07 5.20 11.43
C LYS A 108 -37.96 5.94 10.67
N VAL A 109 -38.33 7.07 10.09
CA VAL A 109 -37.48 7.83 9.22
C VAL A 109 -37.72 9.28 9.58
N VAL A 110 -36.65 10.06 9.68
CA VAL A 110 -36.84 11.49 9.78
C VAL A 110 -35.95 12.05 8.71
N GLU A 111 -36.20 13.32 8.36
CA GLU A 111 -35.49 14.07 7.34
C GLU A 111 -34.65 15.22 7.93
N GLN A 112 -35.02 15.76 9.09
CA GLN A 112 -34.21 16.78 9.80
C GLN A 112 -33.21 16.16 10.80
N PHE A 113 -31.97 16.66 10.82
CA PHE A 113 -30.95 16.15 11.71
C PHE A 113 -30.77 17.04 12.92
N GLU A 114 -31.29 16.61 14.05
CA GLU A 114 -31.08 17.33 15.29
C GLU A 114 -29.71 16.94 15.87
N PRO A 115 -28.82 17.93 16.11
CA PRO A 115 -27.54 17.69 16.77
C PRO A 115 -27.61 16.65 17.89
N SER A 116 -28.65 16.73 18.70
CA SER A 116 -28.79 15.91 19.91
C SER A 116 -29.28 14.46 19.72
N ILE A 117 -29.64 14.07 18.50
CA ILE A 117 -30.19 12.72 18.30
C ILE A 117 -29.11 11.67 18.43
N LEU A 118 -27.85 12.09 18.38
CA LEU A 118 -26.73 11.21 18.71
C LEU A 118 -26.85 10.68 20.15
N ASN A 119 -27.41 11.46 21.05
CA ASN A 119 -27.51 11.02 22.44
C ASN A 119 -28.30 9.75 22.64
N GLU A 120 -29.34 9.57 21.84
CA GLU A 120 -30.25 8.44 22.04
C GLU A 120 -29.84 7.20 21.26
N PHE A 121 -28.66 7.22 20.65
CA PHE A 121 -28.16 6.07 19.90
C PHE A 121 -26.73 5.68 20.26
N ASP A 122 -26.39 4.43 19.94
CA ASP A 122 -25.11 3.82 20.28
C ASP A 122 -24.24 3.66 19.03
N VAL A 123 -24.81 3.20 17.92
CA VAL A 123 -24.06 3.05 16.67
C VAL A 123 -24.62 3.92 15.55
N VAL A 124 -23.72 4.61 14.85
CA VAL A 124 -24.05 5.32 13.64
C VAL A 124 -23.65 4.49 12.44
N VAL A 125 -24.63 4.10 11.64
CA VAL A 125 -24.35 3.48 10.37
C VAL A 125 -24.34 4.56 9.29
N ASP A 126 -23.21 4.73 8.65
CA ASP A 126 -23.02 5.85 7.78
C ASP A 126 -23.28 5.46 6.34
N ALA A 127 -24.45 5.77 5.81
CA ALA A 127 -24.75 5.39 4.43
C ALA A 127 -25.10 6.60 3.57
N ILE A 128 -24.40 7.72 3.75
CA ILE A 128 -24.71 8.96 3.05
C ILE A 128 -24.18 8.93 1.61
N PHE A 129 -22.87 8.81 1.46
CA PHE A 129 -22.26 8.71 0.14
C PHE A 129 -21.25 7.59 0.08
N GLY A 130 -21.27 6.88 -1.03
CA GLY A 130 -20.26 5.89 -1.33
C GLY A 130 -19.42 6.22 -2.57
N THR A 131 -19.38 5.32 -3.54
CA THR A 131 -18.51 5.49 -4.70
C THR A 131 -19.01 6.58 -5.58
N GLY A 132 -20.20 7.06 -5.26
CA GLY A 132 -20.87 8.10 -6.06
C GLY A 132 -20.77 9.49 -5.47
N LEU A 133 -19.86 9.71 -4.52
CA LEU A 133 -19.49 11.05 -4.11
C LEU A 133 -18.86 11.72 -5.29
N ARG A 134 -19.30 12.94 -5.62
CA ARG A 134 -18.60 13.78 -6.60
C ARG A 134 -18.27 15.13 -5.93
N GLY A 135 -16.99 15.49 -5.92
CA GLY A 135 -16.58 16.78 -5.42
C GLY A 135 -16.83 16.91 -3.94
N GLU A 136 -17.06 18.14 -3.47
CA GLU A 136 -16.99 18.46 -2.01
C GLU A 136 -18.27 18.32 -1.19
N ILE A 137 -18.12 17.82 0.02
CA ILE A 137 -19.19 17.81 1.00
C ILE A 137 -19.18 19.17 1.72
N THR A 138 -20.18 19.98 1.45
CA THR A 138 -20.41 21.19 2.25
C THR A 138 -21.85 21.18 2.73
N GLY A 139 -22.19 22.18 3.54
CA GLY A 139 -23.54 22.38 3.99
C GLY A 139 -23.96 21.25 4.92
N GLU A 140 -25.25 20.92 4.88
CA GLU A 140 -25.87 20.05 5.86
C GLU A 140 -25.01 18.82 6.02
N TYR A 141 -24.62 18.22 4.91
CA TYR A 141 -23.82 16.97 4.97
C TYR A 141 -22.45 17.22 5.72
N ALA A 142 -21.81 18.36 5.50
CA ALA A 142 -20.64 18.77 6.28
C ALA A 142 -20.92 18.79 7.81
N GLU A 143 -21.82 19.66 8.26
CA GLU A 143 -22.22 19.71 9.65
C GLU A 143 -22.42 18.31 10.19
N ILE A 144 -23.23 17.50 9.51
CA ILE A 144 -23.59 16.20 10.03
C ILE A 144 -22.37 15.28 10.22
N ILE A 145 -21.50 15.22 9.23
CA ILE A 145 -20.30 14.38 9.31
C ILE A 145 -19.40 14.77 10.46
N ASN A 146 -19.21 16.08 10.61
CA ASN A 146 -18.53 16.65 11.77
C ASN A 146 -19.20 16.26 13.10
N LEU A 147 -20.53 16.32 13.13
CA LEU A 147 -21.26 16.00 14.35
C LEU A 147 -20.98 14.55 14.74
N VAL A 148 -21.12 13.62 13.81
CA VAL A 148 -20.86 12.22 14.10
C VAL A 148 -19.42 12.01 14.57
N ASN A 149 -18.48 12.67 13.89
CA ASN A 149 -17.06 12.59 14.27
C ASN A 149 -16.79 13.13 15.66
N LYS A 150 -17.48 14.18 16.08
CA LYS A 150 -17.32 14.67 17.48
C LYS A 150 -18.04 13.81 18.54
N SER A 151 -18.76 12.77 18.15
CA SER A 151 -19.75 12.14 19.05
C SER A 151 -19.25 10.99 19.92
N GLY A 152 -18.15 10.35 19.50
CA GLY A 152 -17.58 9.23 20.24
C GLY A 152 -18.42 7.98 20.19
N LYS A 153 -19.37 7.94 19.26
CA LYS A 153 -20.18 6.73 19.07
C LYS A 153 -19.45 5.81 18.11
N VAL A 154 -19.87 4.56 18.08
CA VAL A 154 -19.33 3.55 17.19
C VAL A 154 -19.87 3.73 15.76
N VAL A 155 -18.97 4.03 14.83
CA VAL A 155 -19.31 4.41 13.46
C VAL A 155 -18.96 3.30 12.46
N VAL A 156 -19.95 2.89 11.69
CA VAL A 156 -19.81 1.86 10.71
C VAL A 156 -20.14 2.43 9.35
N SER A 157 -19.20 2.34 8.43
CA SER A 157 -19.41 2.95 7.12
C SER A 157 -19.79 1.93 6.07
N VAL A 158 -20.82 2.24 5.30
CA VAL A 158 -21.18 1.37 4.20
C VAL A 158 -20.33 1.63 2.93
N ASP A 159 -19.59 0.60 2.49
CA ASP A 159 -18.70 0.69 1.32
C ASP A 159 -17.44 1.54 1.45
N VAL A 160 -17.64 2.83 1.70
CA VAL A 160 -16.59 3.81 1.83
C VAL A 160 -17.12 4.86 2.81
N PRO A 161 -16.31 5.31 3.79
CA PRO A 161 -16.70 6.39 4.66
C PRO A 161 -17.05 7.63 3.90
N SER A 162 -18.22 8.17 4.13
CA SER A 162 -18.70 9.26 3.30
C SER A 162 -17.72 10.39 3.32
N GLY A 163 -17.30 10.83 2.13
CA GLY A 163 -16.35 11.91 2.00
C GLY A 163 -14.96 11.52 1.54
N ILE A 164 -14.64 10.23 1.57
CA ILE A 164 -13.42 9.73 0.92
C ILE A 164 -13.71 9.54 -0.57
N ASP A 165 -12.90 10.09 -1.42
CA ASP A 165 -13.00 9.81 -2.83
C ASP A 165 -12.45 8.41 -3.04
N SER A 166 -13.29 7.53 -3.55
CA SER A 166 -12.95 6.12 -3.58
C SER A 166 -11.85 5.76 -4.60
N ASN A 167 -11.50 6.69 -5.50
CA ASN A 167 -10.39 6.51 -6.46
C ASN A 167 -9.03 7.07 -6.02
N THR A 168 -8.99 7.87 -4.99
CA THR A 168 -7.70 8.43 -4.63
C THR A 168 -7.39 8.29 -3.13
N GLY A 169 -8.43 8.11 -2.32
CA GLY A 169 -8.30 8.16 -0.87
C GLY A 169 -8.27 9.56 -0.32
N LYS A 170 -8.64 10.53 -1.16
CA LYS A 170 -8.69 11.95 -0.75
C LYS A 170 -9.92 12.27 0.07
N VAL A 171 -9.75 13.15 1.04
CA VAL A 171 -10.84 13.69 1.84
C VAL A 171 -11.40 14.94 1.15
N LEU A 172 -12.69 14.90 0.84
CA LEU A 172 -13.35 15.98 0.14
C LEU A 172 -13.96 16.96 1.16
N ARG A 173 -13.11 17.84 1.70
CA ARG A 173 -13.45 18.81 2.72
C ARG A 173 -13.56 18.20 4.08
N THR A 174 -14.40 17.19 4.15
CA THR A 174 -14.54 16.40 5.35
C THR A 174 -15.13 15.03 5.06
N ALA A 175 -15.07 14.17 6.06
CA ALA A 175 -15.21 12.73 5.86
C ALA A 175 -15.40 12.05 7.18
N VAL A 176 -16.12 10.94 7.10
CA VAL A 176 -16.47 10.18 8.28
C VAL A 176 -15.29 9.37 8.72
N LYS A 177 -15.00 9.45 10.00
CA LYS A 177 -13.99 8.61 10.58
C LYS A 177 -14.69 7.38 11.15
N ALA A 178 -14.55 6.27 10.42
CA ALA A 178 -15.16 4.96 10.76
C ALA A 178 -14.28 4.06 11.66
N ASP A 179 -14.97 3.35 12.56
CA ASP A 179 -14.42 2.21 13.31
C ASP A 179 -14.36 0.96 12.40
N LEU A 180 -15.35 0.84 11.51
CA LEU A 180 -15.46 -0.32 10.62
C LEU A 180 -16.02 0.13 9.27
N THR A 181 -15.41 -0.37 8.21
CA THR A 181 -15.90 -0.15 6.90
C THR A 181 -16.10 -1.53 6.30
N VAL A 182 -17.26 -1.69 5.68
CA VAL A 182 -17.65 -2.95 5.03
C VAL A 182 -17.79 -2.59 3.57
N THR A 183 -16.90 -3.11 2.74
CA THR A 183 -16.96 -2.80 1.29
C THR A 183 -17.36 -3.99 0.43
N PHE A 184 -17.73 -3.80 -0.81
CA PHE A 184 -18.40 -4.88 -1.54
C PHE A 184 -17.56 -5.30 -2.72
N GLY A 185 -17.30 -6.60 -2.79
CA GLY A 185 -16.52 -7.15 -3.88
C GLY A 185 -15.03 -7.06 -3.64
N VAL A 186 -14.49 -5.88 -3.83
CA VAL A 186 -13.07 -5.71 -3.69
C VAL A 186 -12.85 -4.38 -3.01
N PRO A 187 -11.73 -4.24 -2.29
CA PRO A 187 -11.37 -2.93 -1.75
C PRO A 187 -11.18 -1.90 -2.86
N LYS A 188 -11.54 -0.66 -2.56
CA LYS A 188 -11.33 0.41 -3.47
C LYS A 188 -10.06 1.13 -3.04
N ILE A 189 -9.39 1.76 -4.00
CA ILE A 189 -8.20 2.57 -3.82
C ILE A 189 -8.27 3.52 -2.60
N GLY A 190 -9.40 4.20 -2.43
CA GLY A 190 -9.64 5.04 -1.26
C GLY A 190 -9.62 4.34 0.10
N HIS A 191 -9.71 3.02 0.14
CA HIS A 191 -9.44 2.26 1.38
C HIS A 191 -7.97 2.03 1.61
N ILE A 192 -7.19 2.14 0.53
CA ILE A 192 -5.79 1.68 0.48
C ILE A 192 -4.79 2.84 0.53
N LEU A 193 -5.14 3.99 -0.06
CA LEU A 193 -4.26 5.16 -0.03
C LEU A 193 -4.74 6.05 1.10
N PHE A 194 -3.87 6.90 1.60
CA PHE A 194 -4.21 7.78 2.71
C PHE A 194 -4.68 9.13 2.16
N PRO A 195 -5.46 9.87 2.94
CA PRO A 195 -5.98 9.63 4.30
C PRO A 195 -7.11 8.62 4.41
N GLY A 196 -7.63 8.17 3.28
CA GLY A 196 -8.83 7.36 3.25
C GLY A 196 -8.64 6.12 4.05
N ARG A 197 -7.47 5.54 3.92
CA ARG A 197 -7.17 4.33 4.62
C ARG A 197 -7.24 4.57 6.11
N ASP A 198 -6.88 5.77 6.53
CA ASP A 198 -6.89 6.02 7.92
C ASP A 198 -8.30 6.14 8.47
N LEU A 199 -9.24 6.58 7.65
CA LEU A 199 -10.59 6.88 8.10
C LEU A 199 -11.54 5.71 7.87
N THR A 200 -11.00 4.62 7.34
CA THR A 200 -11.75 3.41 7.07
C THR A 200 -11.87 2.54 8.32
N GLY A 201 -10.94 2.61 9.25
CA GLY A 201 -11.03 1.77 10.43
C GLY A 201 -10.78 0.34 9.98
N LYS A 202 -11.33 -0.63 10.70
CA LYS A 202 -11.21 -2.01 10.32
C LYS A 202 -12.04 -2.18 9.01
N LEU A 203 -11.45 -2.80 7.99
CA LEU A 203 -12.10 -2.95 6.71
C LEU A 203 -12.51 -4.39 6.49
N LYS A 204 -13.75 -4.61 6.09
CA LYS A 204 -14.14 -5.96 5.70
C LYS A 204 -14.58 -5.88 4.26
N VAL A 205 -14.12 -6.83 3.46
CA VAL A 205 -14.50 -6.94 2.03
C VAL A 205 -15.48 -8.08 1.92
N ALA A 206 -16.70 -7.72 1.66
CA ALA A 206 -17.82 -8.65 1.62
C ALA A 206 -18.05 -9.13 0.22
N ASN A 207 -18.43 -10.40 0.14
CA ASN A 207 -18.77 -11.00 -1.11
C ASN A 207 -20.26 -10.85 -1.23
N ILE A 208 -20.74 -10.17 -2.29
CA ILE A 208 -22.19 -9.91 -2.40
C ILE A 208 -22.82 -10.54 -3.59
N GLY A 209 -22.05 -11.34 -4.32
CA GLY A 209 -22.56 -12.22 -5.34
C GLY A 209 -21.98 -12.01 -6.73
N HIS A 210 -21.04 -11.09 -6.88
CA HIS A 210 -20.31 -10.94 -8.15
C HIS A 210 -19.67 -12.23 -8.60
N PRO A 211 -19.72 -12.52 -9.88
CA PRO A 211 -18.93 -13.68 -10.30
C PRO A 211 -17.46 -13.52 -9.94
N VAL A 212 -16.88 -14.61 -9.50
CA VAL A 212 -15.46 -14.64 -9.22
C VAL A 212 -14.58 -14.13 -10.40
N HIS A 213 -14.87 -14.56 -11.64
CA HIS A 213 -14.16 -14.06 -12.86
C HIS A 213 -13.96 -12.56 -12.83
N LEU A 214 -15.05 -11.85 -12.59
CA LEU A 214 -15.01 -10.41 -12.60
C LEU A 214 -14.16 -9.89 -11.45
N ILE A 215 -14.35 -10.46 -10.26
CA ILE A 215 -13.65 -9.97 -9.11
C ILE A 215 -12.17 -10.03 -9.37
N ASN A 216 -11.73 -11.10 -10.03
CA ASN A 216 -10.31 -11.34 -10.24
C ASN A 216 -9.73 -10.61 -11.47
N SER A 217 -10.61 -10.12 -12.33
CA SER A 217 -10.24 -9.28 -13.49
C SER A 217 -9.76 -7.87 -13.12
N ILE A 218 -9.40 -7.65 -11.86
CA ILE A 218 -9.07 -6.31 -11.38
C ILE A 218 -7.59 -6.02 -11.62
N ASN A 219 -7.30 -4.97 -12.37
CA ASN A 219 -5.91 -4.59 -12.72
C ASN A 219 -5.00 -4.26 -11.54
N ARG A 220 -5.58 -3.95 -10.39
CA ARG A 220 -4.76 -3.60 -9.24
C ARG A 220 -5.14 -4.45 -8.01
N TYR A 221 -4.20 -4.60 -7.09
CA TYR A 221 -4.51 -5.37 -5.88
C TYR A 221 -3.55 -5.03 -4.72
N VAL A 222 -4.00 -5.33 -3.53
CA VAL A 222 -3.22 -5.26 -2.33
C VAL A 222 -2.32 -6.46 -2.31
N ILE A 223 -1.09 -6.30 -1.83
CA ILE A 223 -0.15 -7.41 -1.70
C ILE A 223 -0.63 -8.18 -0.52
N THR A 224 -1.04 -9.43 -0.70
CA THR A 224 -1.45 -10.27 0.42
C THR A 224 -0.39 -11.27 0.80
N ARG A 225 -0.65 -11.88 1.95
CA ARG A 225 0.21 -12.85 2.60
C ARG A 225 0.31 -14.09 1.73
N GLU A 226 -0.82 -14.50 1.18
CA GLU A 226 -0.87 -15.62 0.25
C GLU A 226 -0.08 -15.34 -1.04
N MET A 227 -0.09 -14.11 -1.51
CA MET A 227 0.65 -13.76 -2.68
C MET A 227 2.18 -13.80 -2.45
N VAL A 228 2.63 -13.29 -1.32
CA VAL A 228 4.04 -13.35 -1.01
C VAL A 228 4.48 -14.77 -0.67
N ARG A 229 3.64 -15.52 0.04
CA ARG A 229 3.97 -16.92 0.31
C ARG A 229 4.25 -17.66 -0.98
N SER A 230 3.42 -17.49 -1.98
CA SER A 230 3.67 -18.22 -3.21
C SER A 230 4.80 -17.64 -4.06
N LEU A 231 5.21 -16.40 -3.84
CA LEU A 231 6.31 -15.86 -4.61
C LEU A 231 7.67 -16.18 -4.03
N LEU A 232 7.74 -16.56 -2.74
CA LEU A 232 9.04 -16.85 -2.11
C LEU A 232 9.85 -17.86 -2.87
N PRO A 233 11.12 -17.60 -3.11
CA PRO A 233 11.85 -18.65 -3.81
C PRO A 233 12.01 -19.94 -3.01
N GLU A 234 12.00 -21.05 -3.71
CA GLU A 234 12.31 -22.35 -3.11
C GLU A 234 13.73 -22.39 -2.55
N ARG A 235 13.89 -23.12 -1.46
CA ARG A 235 15.19 -23.41 -0.89
C ARG A 235 15.44 -24.91 -1.05
N PRO A 236 15.95 -25.36 -2.20
CA PRO A 236 16.30 -26.79 -2.32
C PRO A 236 17.48 -27.19 -1.46
N ARG A 237 17.33 -28.28 -0.72
CA ARG A 237 18.32 -28.81 0.17
C ARG A 237 19.70 -28.95 -0.44
N ASP A 238 19.77 -29.51 -1.64
CA ASP A 238 21.05 -29.63 -2.32
C ASP A 238 21.32 -28.27 -2.95
N SER A 239 22.02 -27.40 -2.25
CA SER A 239 22.28 -26.08 -2.78
C SER A 239 23.59 -25.62 -2.17
N HIS A 240 24.02 -24.45 -2.58
CA HIS A 240 25.16 -23.78 -2.00
C HIS A 240 24.95 -22.28 -2.24
N LYS A 241 25.90 -21.46 -1.83
CA LYS A 241 25.68 -20.03 -1.91
C LYS A 241 25.37 -19.60 -3.33
N GLY A 242 25.99 -20.23 -4.31
CA GLY A 242 25.75 -19.91 -5.70
C GLY A 242 24.33 -20.06 -6.18
N THR A 243 23.68 -21.14 -5.78
CA THR A 243 22.23 -21.25 -5.98
C THR A 243 21.44 -19.97 -5.63
N TYR A 244 21.87 -19.26 -4.59
CA TYR A 244 21.03 -18.24 -4.04
C TYR A 244 21.54 -16.89 -4.49
N GLY A 245 22.52 -16.90 -5.40
CA GLY A 245 22.90 -15.70 -6.12
C GLY A 245 23.89 -14.78 -5.44
N LYS A 246 24.38 -13.84 -6.24
CA LYS A 246 25.39 -12.90 -5.87
C LYS A 246 24.87 -11.49 -6.09
N VAL A 247 25.10 -10.60 -5.11
CA VAL A 247 24.75 -9.21 -5.21
C VAL A 247 26.01 -8.36 -4.99
N LEU A 248 26.12 -7.29 -5.76
CA LEU A 248 27.05 -6.19 -5.52
C LEU A 248 26.26 -4.95 -5.16
N ILE A 249 26.66 -4.29 -4.08
CA ILE A 249 26.10 -3.01 -3.71
C ILE A 249 27.19 -1.93 -3.83
N ILE A 250 26.91 -0.95 -4.67
CA ILE A 250 27.83 0.14 -4.92
C ILE A 250 27.26 1.28 -4.12
N ALA A 251 27.95 1.67 -3.04
CA ALA A 251 27.31 2.55 -2.08
C ALA A 251 28.31 3.16 -1.19
N GLY A 252 27.84 4.18 -0.47
CA GLY A 252 28.59 4.84 0.63
C GLY A 252 29.42 6.02 0.18
N SER A 253 29.95 6.76 1.14
CA SER A 253 30.71 7.94 0.83
C SER A 253 31.32 8.38 2.13
N ARG A 254 32.26 9.33 2.13
CA ARG A 254 32.78 9.85 3.39
C ARG A 254 31.66 10.44 4.25
N LEU A 255 30.53 10.83 3.67
CA LEU A 255 29.40 11.29 4.49
C LEU A 255 28.56 10.15 5.05
N TYR A 256 28.39 9.08 4.29
CA TYR A 256 27.46 8.04 4.66
C TYR A 256 28.14 6.70 4.69
N SER A 257 28.78 6.37 5.81
CA SER A 257 29.45 5.08 5.91
C SER A 257 28.51 3.96 6.30
N GLY A 258 27.37 4.27 6.90
CA GLY A 258 26.42 3.23 7.40
C GLY A 258 25.42 2.67 6.37
N ALA A 259 24.89 3.50 5.50
CA ALA A 259 23.96 3.00 4.48
C ALA A 259 24.34 1.62 3.87
N PRO A 260 25.60 1.41 3.47
CA PRO A 260 25.96 0.18 2.74
C PRO A 260 25.76 -1.13 3.56
N VAL A 261 26.01 -1.01 4.85
CA VAL A 261 25.88 -2.11 5.78
C VAL A 261 24.44 -2.51 5.80
N LEU A 262 23.56 -1.53 5.88
CA LEU A 262 22.12 -1.78 5.95
C LEU A 262 21.62 -2.43 4.65
N SER A 263 22.07 -1.95 3.51
CA SER A 263 21.71 -2.60 2.28
C SER A 263 22.25 -4.01 2.23
N GLY A 264 23.56 -4.17 2.47
CA GLY A 264 24.22 -5.48 2.41
C GLY A 264 23.54 -6.51 3.25
N MET A 265 23.23 -6.11 4.46
CA MET A 265 22.53 -6.99 5.36
C MET A 265 21.09 -7.31 4.96
N GLY A 266 20.40 -6.37 4.36
CA GLY A 266 19.10 -6.66 3.81
C GLY A 266 19.18 -7.75 2.76
N SER A 267 20.21 -7.69 1.93
CA SER A 267 20.42 -8.74 0.93
C SER A 267 20.65 -10.05 1.65
N LEU A 268 21.57 -10.08 2.62
CA LEU A 268 21.84 -11.37 3.29
C LEU A 268 20.64 -11.88 4.09
N LYS A 269 19.99 -11.01 4.86
CA LYS A 269 18.90 -11.49 5.72
C LYS A 269 17.70 -12.10 4.87
N VAL A 270 17.61 -11.81 3.58
CA VAL A 270 16.54 -12.39 2.76
C VAL A 270 16.95 -13.66 2.03
N GLY A 271 18.19 -14.11 2.15
CA GLY A 271 18.60 -15.45 1.69
C GLY A 271 19.61 -15.49 0.56
N THR A 272 20.15 -14.31 0.17
CA THR A 272 21.14 -14.23 -0.92
C THR A 272 22.38 -14.99 -0.54
N GLY A 273 23.07 -15.56 -1.50
CA GLY A 273 24.26 -16.31 -1.20
C GLY A 273 25.50 -15.51 -0.88
N LEU A 274 25.71 -14.44 -1.62
CA LEU A 274 26.93 -13.65 -1.47
C LEU A 274 26.66 -12.15 -1.75
N VAL A 275 27.06 -11.31 -0.81
CA VAL A 275 26.92 -9.84 -0.88
C VAL A 275 28.28 -9.18 -0.82
N LYS A 276 28.61 -8.48 -1.88
CA LYS A 276 29.88 -7.78 -2.03
C LYS A 276 29.52 -6.29 -2.02
N LEU A 277 30.03 -5.54 -1.04
CA LEU A 277 29.87 -4.10 -1.05
C LEU A 277 31.06 -3.45 -1.72
N ALA A 278 30.82 -2.32 -2.34
CA ALA A 278 31.89 -1.57 -2.92
C ALA A 278 31.70 -0.18 -2.38
N VAL A 279 32.63 0.23 -1.51
CA VAL A 279 32.49 1.45 -0.69
C VAL A 279 33.86 2.12 -0.61
N PRO A 280 33.92 3.48 -0.62
CA PRO A 280 35.18 4.20 -0.52
C PRO A 280 36.00 3.89 0.72
N PHE A 281 37.26 3.55 0.54
CA PHE A 281 38.20 3.45 1.63
C PHE A 281 38.33 4.76 2.39
N PRO A 282 38.32 4.71 3.73
CA PRO A 282 38.30 3.57 4.66
C PRO A 282 36.90 3.23 5.15
N GLN A 283 35.92 3.96 4.65
CA GLN A 283 34.51 3.70 5.02
C GLN A 283 34.09 2.26 4.85
N ASN A 284 34.72 1.53 3.92
CA ASN A 284 34.35 0.14 3.67
C ASN A 284 34.63 -0.69 4.88
N LEU A 285 35.65 -0.26 5.62
CA LEU A 285 36.00 -0.99 6.84
C LEU A 285 34.90 -1.09 7.87
N ILE A 286 34.00 -0.12 7.86
CA ILE A 286 32.89 -0.01 8.82
C ILE A 286 32.00 -1.26 8.73
N ALA A 287 31.69 -1.68 7.52
CA ALA A 287 30.70 -2.73 7.34
C ALA A 287 31.08 -4.05 8.01
N THR A 288 32.31 -4.48 7.81
CA THR A 288 32.75 -5.75 8.32
C THR A 288 33.06 -5.68 9.80
N SER A 289 33.24 -4.49 10.36
CA SER A 289 33.46 -4.42 11.81
C SER A 289 32.19 -4.71 12.57
N ARG A 290 31.04 -4.50 11.94
CA ARG A 290 29.76 -4.79 12.60
C ARG A 290 29.17 -6.15 12.17
N PHE A 291 29.38 -6.48 10.90
CA PHE A 291 28.86 -7.68 10.31
C PHE A 291 29.92 -8.26 9.41
N PRO A 292 30.85 -9.08 9.97
CA PRO A 292 32.01 -9.53 9.21
C PRO A 292 31.69 -10.53 8.14
N GLU A 293 30.47 -11.06 8.17
CA GLU A 293 29.95 -11.89 7.09
C GLU A 293 29.89 -11.11 5.77
N LEU A 294 29.68 -9.81 5.81
CA LEU A 294 29.74 -9.07 4.56
C LEU A 294 31.19 -9.04 4.02
N ILE A 295 31.32 -8.93 2.70
CA ILE A 295 32.57 -8.62 2.05
C ILE A 295 32.42 -7.18 1.65
N SER A 296 33.42 -6.36 1.95
CA SER A 296 33.31 -4.90 1.72
C SER A 296 34.57 -4.44 1.06
N VAL A 297 34.49 -4.22 -0.25
CA VAL A 297 35.66 -3.89 -1.10
C VAL A 297 36.06 -2.41 -0.96
N PRO A 298 37.34 -2.15 -0.70
CA PRO A 298 37.78 -0.76 -0.62
C PRO A 298 37.93 -0.16 -2.02
N ILE A 299 37.31 0.98 -2.28
CA ILE A 299 37.49 1.67 -3.54
C ILE A 299 38.27 2.95 -3.24
N ASP A 300 39.29 3.21 -4.04
CA ASP A 300 40.18 4.35 -3.84
C ASP A 300 39.55 5.55 -4.59
N THR A 301 39.15 6.57 -3.83
CA THR A 301 38.64 7.80 -4.37
C THR A 301 39.55 9.01 -4.04
N GLU A 302 39.36 10.10 -4.78
CA GLU A 302 40.11 11.31 -4.56
C GLU A 302 39.61 12.06 -3.36
N LYS A 303 38.27 12.18 -3.24
CA LYS A 303 37.57 13.05 -2.26
C LYS A 303 36.64 12.32 -1.26
N GLY A 304 36.52 10.99 -1.32
CA GLY A 304 35.52 10.25 -0.52
C GLY A 304 34.25 9.95 -1.26
N PHE A 305 34.23 10.23 -2.55
CA PHE A 305 33.07 9.94 -3.41
C PHE A 305 33.47 9.17 -4.66
N PHE A 306 32.54 8.35 -5.11
CA PHE A 306 32.69 7.66 -6.36
C PHE A 306 32.80 8.70 -7.48
N SER A 307 33.66 8.43 -8.47
CA SER A 307 33.77 9.30 -9.63
C SER A 307 33.97 8.45 -10.86
N LEU A 308 34.28 9.06 -12.01
CA LEU A 308 34.54 8.26 -13.19
C LEU A 308 35.81 7.44 -13.06
N GLN A 309 36.76 7.89 -12.26
CA GLN A 309 37.96 7.09 -12.12
C GLN A 309 37.69 5.71 -11.49
N ASN A 310 36.52 5.49 -10.87
CA ASN A 310 36.17 4.16 -10.37
C ASN A 310 35.24 3.35 -11.26
N LEU A 311 34.95 3.81 -12.46
CA LEU A 311 33.98 3.14 -13.33
C LEU A 311 34.42 1.73 -13.69
N GLN A 312 35.65 1.58 -14.17
CA GLN A 312 36.11 0.26 -14.63
C GLN A 312 36.24 -0.75 -13.50
N GLU A 313 36.80 -0.34 -12.37
CA GLU A 313 36.89 -1.21 -11.23
C GLU A 313 35.48 -1.73 -10.90
N CYS A 314 34.47 -0.89 -11.01
CA CYS A 314 33.13 -1.31 -10.62
C CYS A 314 32.48 -2.20 -11.66
N LEU A 315 32.82 -2.00 -12.94
CA LEU A 315 32.28 -2.84 -13.98
C LEU A 315 32.91 -4.22 -13.89
N GLU A 316 34.18 -4.29 -13.46
CA GLU A 316 34.87 -5.57 -13.22
C GLU A 316 34.19 -6.35 -12.08
N LEU A 317 33.94 -5.65 -10.98
CA LEU A 317 33.22 -6.22 -9.86
C LEU A 317 31.83 -6.65 -10.29
N SER A 318 31.24 -5.99 -11.26
CA SER A 318 29.91 -6.40 -11.69
C SER A 318 29.90 -7.64 -12.60
N LYS A 319 31.04 -7.99 -13.18
CA LYS A 319 31.00 -9.06 -14.18
C LYS A 319 30.58 -10.42 -13.57
N ASP A 320 30.81 -10.61 -12.28
CA ASP A 320 30.61 -11.90 -11.67
C ASP A 320 29.52 -11.92 -10.59
N VAL A 321 28.58 -11.00 -10.70
CA VAL A 321 27.42 -10.99 -9.83
C VAL A 321 26.20 -11.12 -10.71
N ASP A 322 25.06 -11.26 -10.05
CA ASP A 322 23.77 -11.44 -10.66
C ASP A 322 22.95 -10.16 -10.75
N VAL A 323 23.07 -9.28 -9.76
CA VAL A 323 22.30 -8.02 -9.71
C VAL A 323 23.19 -7.03 -9.01
N VAL A 324 23.08 -5.78 -9.39
CA VAL A 324 23.81 -4.70 -8.73
C VAL A 324 22.80 -3.70 -8.14
N ALA A 325 23.00 -3.39 -6.86
CA ALA A 325 22.28 -2.30 -6.18
C ALA A 325 23.20 -1.09 -6.10
N ILE A 326 22.68 0.08 -6.44
CA ILE A 326 23.51 1.30 -6.42
C ILE A 326 22.71 2.46 -5.82
N GLY A 327 23.32 3.28 -4.95
CA GLY A 327 22.71 4.52 -4.51
C GLY A 327 22.71 4.88 -3.06
N PRO A 328 22.55 3.93 -2.17
CA PRO A 328 22.46 4.35 -0.79
C PRO A 328 23.73 5.04 -0.35
N GLY A 329 23.57 6.20 0.26
CA GLY A 329 24.70 7.01 0.67
C GLY A 329 25.81 7.35 -0.34
N LEU A 330 25.54 7.34 -1.62
CA LEU A 330 26.59 7.76 -2.57
C LEU A 330 26.99 9.25 -2.45
N GLY A 331 26.06 10.10 -2.01
CA GLY A 331 26.24 11.54 -2.06
C GLY A 331 25.67 12.04 -3.38
N ASN A 332 25.28 13.32 -3.38
CA ASN A 332 24.66 13.99 -4.53
C ASN A 332 25.52 15.19 -4.98
N ASN A 333 26.49 14.89 -5.84
CA ASN A 333 27.37 15.88 -6.47
C ASN A 333 27.75 15.41 -7.91
N GLU A 334 28.54 16.21 -8.62
CA GLU A 334 28.79 15.94 -10.04
C GLU A 334 29.71 14.74 -10.31
N HIS A 335 30.63 14.44 -9.42
CA HIS A 335 31.39 13.21 -9.55
C HIS A 335 30.45 11.98 -9.48
N VAL A 336 29.63 11.90 -8.46
CA VAL A 336 28.69 10.81 -8.41
C VAL A 336 27.77 10.81 -9.65
N ARG A 337 27.35 11.99 -10.12
CA ARG A 337 26.49 12.06 -11.32
C ARG A 337 27.14 11.41 -12.54
N GLU A 338 28.36 11.80 -12.90
CA GLU A 338 29.04 11.22 -14.07
C GLU A 338 29.14 9.70 -13.90
N PHE A 339 29.56 9.29 -12.72
CA PHE A 339 29.77 7.92 -12.44
C PHE A 339 28.50 7.10 -12.61
N VAL A 340 27.42 7.51 -11.94
CA VAL A 340 26.21 6.65 -11.88
C VAL A 340 25.54 6.49 -13.25
N ASN A 341 25.61 7.56 -14.05
CA ASN A 341 25.05 7.52 -15.40
C ASN A 341 25.89 6.77 -16.39
N GLU A 342 27.22 6.89 -16.33
CA GLU A 342 28.05 6.05 -17.19
C GLU A 342 27.99 4.57 -16.74
N PHE A 343 27.89 4.31 -15.46
CA PHE A 343 27.85 2.96 -15.00
C PHE A 343 26.59 2.21 -15.43
N LEU A 344 25.45 2.79 -15.06
CA LEU A 344 24.15 2.23 -15.47
C LEU A 344 24.02 2.00 -16.96
N LYS A 345 24.50 2.96 -17.72
CA LYS A 345 24.47 2.87 -19.18
C LYS A 345 25.26 1.67 -19.71
N THR A 346 26.30 1.26 -19.00
CA THR A 346 27.15 0.20 -19.50
C THR A 346 26.87 -1.13 -18.80
N LEU A 347 26.27 -1.08 -17.63
CA LEU A 347 25.97 -2.29 -16.90
C LEU A 347 24.90 -3.15 -17.57
N GLU A 348 25.29 -4.36 -17.97
CA GLU A 348 24.35 -5.34 -18.51
C GLU A 348 23.98 -6.41 -17.48
N LYS A 349 23.58 -5.94 -16.30
CA LYS A 349 23.00 -6.77 -15.26
C LYS A 349 21.78 -6.00 -14.78
N PRO A 350 20.80 -6.72 -14.21
CA PRO A 350 19.69 -6.04 -13.52
C PRO A 350 20.18 -5.09 -12.44
N ALA A 351 19.58 -3.90 -12.38
CA ALA A 351 19.98 -2.86 -11.42
C ALA A 351 18.85 -2.49 -10.46
N VAL A 352 19.18 -2.29 -9.18
CA VAL A 352 18.30 -1.69 -8.23
C VAL A 352 18.93 -0.33 -7.93
N ILE A 353 18.17 0.74 -8.21
CA ILE A 353 18.63 2.11 -8.17
C ILE A 353 17.81 2.88 -7.14
N ASP A 354 18.52 3.52 -6.20
CA ASP A 354 17.91 4.03 -4.97
C ASP A 354 18.62 5.31 -4.58
N ALA A 355 17.95 6.12 -3.77
CA ALA A 355 18.62 7.11 -3.02
C ALA A 355 19.29 8.13 -3.95
N ASP A 356 20.58 8.38 -3.68
CA ASP A 356 21.34 9.34 -4.44
C ASP A 356 21.65 8.91 -5.84
N ALA A 357 21.59 7.60 -6.11
CA ALA A 357 21.67 7.13 -7.51
C ALA A 357 20.51 7.74 -8.28
N ILE A 358 19.34 7.76 -7.65
CA ILE A 358 18.14 8.36 -8.28
C ILE A 358 18.27 9.89 -8.43
N ASN A 359 18.77 10.55 -7.39
CA ASN A 359 18.95 12.03 -7.39
C ASN A 359 19.77 12.63 -8.58
N VAL A 360 20.76 11.89 -9.06
CA VAL A 360 21.64 12.29 -10.14
C VAL A 360 21.34 11.52 -11.42
N LEU A 361 20.27 10.75 -11.48
CA LEU A 361 20.05 9.86 -12.65
C LEU A 361 19.60 10.68 -13.83
N ASP A 362 20.09 10.37 -15.02
CA ASP A 362 19.46 10.86 -16.27
C ASP A 362 18.59 9.73 -16.77
N THR A 363 17.34 10.00 -17.05
CA THR A 363 16.40 8.90 -17.30
C THR A 363 16.47 8.32 -18.72
N SER A 364 17.00 9.06 -19.71
CA SER A 364 17.32 8.48 -21.03
C SER A 364 18.12 7.18 -20.84
N VAL A 365 19.01 7.22 -19.87
CA VAL A 365 19.83 6.08 -19.51
C VAL A 365 19.02 4.82 -19.32
N LEU A 366 17.87 4.95 -18.63
CA LEU A 366 16.94 3.82 -18.40
C LEU A 366 16.31 3.32 -19.65
N LYS A 367 16.00 4.27 -20.53
CA LYS A 367 15.44 3.97 -21.82
C LYS A 367 16.47 3.26 -22.71
N GLU A 368 17.75 3.64 -22.64
CA GLU A 368 18.77 3.01 -23.51
C GLU A 368 19.46 1.78 -22.85
N ARG A 369 18.88 1.24 -21.79
CA ARG A 369 19.46 0.11 -21.09
C ARG A 369 18.70 -1.09 -21.53
N LYS A 370 19.44 -2.11 -21.97
CA LYS A 370 18.86 -3.40 -22.39
C LYS A 370 18.45 -4.25 -21.17
N SER A 371 19.25 -4.18 -20.10
CA SER A 371 18.96 -4.90 -18.86
C SER A 371 17.89 -4.19 -18.02
N PRO A 372 17.27 -4.92 -17.07
CA PRO A 372 16.14 -4.36 -16.30
C PRO A 372 16.57 -3.58 -15.08
N ALA A 373 15.63 -2.84 -14.52
CA ALA A 373 15.90 -1.94 -13.42
C ALA A 373 14.68 -1.86 -12.55
N VAL A 374 14.89 -1.78 -11.25
CA VAL A 374 13.91 -1.33 -10.30
C VAL A 374 14.42 -0.02 -9.73
N LEU A 375 13.56 1.01 -9.68
CA LEU A 375 13.87 2.23 -8.93
C LEU A 375 13.02 2.25 -7.68
N THR A 376 13.60 2.71 -6.58
CA THR A 376 12.92 2.74 -5.29
C THR A 376 12.95 4.11 -4.62
N PRO A 377 12.25 5.08 -5.20
CA PRO A 377 12.27 6.42 -4.65
C PRO A 377 11.22 6.61 -3.58
N HIS A 378 11.48 7.50 -2.64
CA HIS A 378 10.42 8.05 -1.79
C HIS A 378 9.92 9.28 -2.53
N PRO A 379 8.81 9.88 -2.07
CA PRO A 379 8.20 10.95 -2.94
C PRO A 379 9.08 12.19 -3.11
N GLY A 380 10.01 12.41 -2.20
CA GLY A 380 10.99 13.49 -2.39
C GLY A 380 11.83 13.28 -3.64
N GLU A 381 12.33 12.07 -3.75
CA GLU A 381 13.15 11.67 -4.89
C GLU A 381 12.36 11.54 -6.18
N MET A 382 11.10 11.07 -6.08
CA MET A 382 10.18 10.97 -7.22
C MET A 382 9.88 12.35 -7.82
N ALA A 383 9.48 13.27 -6.96
CA ALA A 383 9.30 14.66 -7.33
C ALA A 383 10.53 15.14 -8.10
N ARG A 384 11.69 15.06 -7.45
CA ARG A 384 12.90 15.51 -8.13
C ARG A 384 13.05 14.78 -9.43
N LEU A 385 12.80 13.48 -9.43
CA LEU A 385 13.13 12.67 -10.59
C LEU A 385 12.31 13.10 -11.83
N VAL A 386 11.05 13.49 -11.63
CA VAL A 386 10.15 13.82 -12.76
C VAL A 386 9.81 15.32 -12.80
N LYS A 387 10.57 16.08 -12.02
CA LYS A 387 10.46 17.54 -12.05
C LYS A 387 8.98 17.94 -11.80
N LYS A 388 8.46 17.48 -10.67
CA LYS A 388 7.09 17.79 -10.20
C LYS A 388 7.11 18.03 -8.67
N THR A 389 6.04 18.55 -8.10
CA THR A 389 6.03 18.81 -6.66
C THR A 389 5.73 17.52 -5.87
N VAL A 390 6.21 17.47 -4.63
CA VAL A 390 5.97 16.34 -3.75
C VAL A 390 4.48 16.01 -3.68
N GLY A 391 3.64 17.04 -3.54
CA GLY A 391 2.18 16.87 -3.47
C GLY A 391 1.57 16.30 -4.74
N ASP A 392 2.12 16.64 -5.89
CA ASP A 392 1.71 16.02 -7.13
C ASP A 392 2.04 14.51 -7.24
N VAL A 393 3.16 14.04 -6.70
CA VAL A 393 3.53 12.63 -6.94
C VAL A 393 3.05 11.66 -5.83
N LYS A 394 2.79 12.19 -4.63
CA LYS A 394 2.41 11.39 -3.49
C LYS A 394 1.15 10.61 -3.81
N TYR A 395 1.21 9.31 -3.66
CA TYR A 395 0.09 8.42 -3.90
C TYR A 395 -0.44 8.51 -5.31
N ASN A 396 0.40 8.94 -6.25
CA ASN A 396 -0.05 9.09 -7.63
C ASN A 396 0.28 7.83 -8.41
N TYR A 397 -0.62 6.86 -8.34
CA TYR A 397 -0.37 5.55 -8.97
C TYR A 397 -0.39 5.66 -10.51
N GLU A 398 -1.19 6.55 -11.06
CA GLU A 398 -1.16 6.75 -12.52
C GLU A 398 0.17 7.31 -13.00
N LEU A 399 0.76 8.20 -12.20
CA LEU A 399 2.03 8.77 -12.58
C LEU A 399 3.12 7.68 -12.53
N ALA A 400 3.12 6.94 -11.43
CA ALA A 400 4.00 5.81 -11.26
C ALA A 400 3.86 4.81 -12.42
N GLU A 401 2.62 4.49 -12.74
CA GLU A 401 2.32 3.61 -13.89
C GLU A 401 2.92 4.18 -15.15
N GLU A 402 2.57 5.39 -15.50
CA GLU A 402 3.10 5.98 -16.73
C GLU A 402 4.64 6.00 -16.74
N PHE A 403 5.27 6.16 -15.58
CA PHE A 403 6.72 6.26 -15.55
C PHE A 403 7.35 4.86 -15.80
N ALA A 404 6.89 3.85 -15.06
CA ALA A 404 7.38 2.46 -15.26
C ALA A 404 7.26 2.04 -16.73
N LYS A 405 6.04 2.16 -17.26
CA LYS A 405 5.74 1.77 -18.62
C LYS A 405 6.68 2.44 -19.61
N GLU A 406 6.93 3.71 -19.39
CA GLU A 406 7.70 4.55 -20.30
C GLU A 406 9.16 4.25 -20.35
N ASN A 407 9.73 3.96 -19.17
CA ASN A 407 11.13 3.73 -19.01
C ASN A 407 11.47 2.24 -18.86
N ASP A 408 10.51 1.37 -19.17
CA ASP A 408 10.71 -0.08 -19.08
C ASP A 408 11.32 -0.48 -17.72
N CYS A 409 10.75 -0.02 -16.63
CA CYS A 409 11.24 -0.42 -15.34
C CYS A 409 10.14 -0.82 -14.38
N VAL A 410 10.54 -1.14 -13.16
CA VAL A 410 9.62 -1.26 -12.03
C VAL A 410 9.81 -0.06 -11.13
N LEU A 411 8.71 0.59 -10.76
CA LEU A 411 8.77 1.66 -9.80
C LEU A 411 8.23 1.17 -8.49
N VAL A 412 8.99 1.45 -7.44
CA VAL A 412 8.54 1.24 -6.07
C VAL A 412 8.57 2.57 -5.39
N LEU A 413 7.42 3.19 -5.24
CA LEU A 413 7.34 4.48 -4.61
C LEU A 413 7.01 4.25 -3.18
N LYS A 414 7.96 4.52 -2.30
CA LYS A 414 7.79 4.22 -0.90
C LYS A 414 6.92 5.20 -0.15
N SER A 415 5.95 4.69 0.60
CA SER A 415 5.09 5.50 1.42
C SER A 415 4.42 4.56 2.39
N ALA A 416 3.67 5.06 3.34
CA ALA A 416 3.01 4.19 4.30
C ALA A 416 2.29 3.12 3.53
N THR A 417 1.62 3.47 2.43
CA THR A 417 1.24 2.51 1.39
C THR A 417 2.27 2.71 0.31
N THR A 418 2.92 1.64 -0.11
CA THR A 418 3.87 1.72 -1.16
C THR A 418 3.20 1.18 -2.38
N ILE A 419 3.40 1.91 -3.47
CA ILE A 419 2.99 1.47 -4.80
C ILE A 419 4.13 0.72 -5.50
N VAL A 420 3.83 -0.39 -6.11
CA VAL A 420 4.81 -1.17 -6.82
C VAL A 420 4.21 -1.36 -8.17
N THR A 421 4.84 -0.87 -9.24
CA THR A 421 4.23 -1.03 -10.56
C THR A 421 5.28 -1.25 -11.62
N ASP A 422 4.87 -1.93 -12.68
CA ASP A 422 5.70 -2.16 -13.85
C ASP A 422 5.07 -1.52 -15.09
N GLY A 423 3.93 -0.84 -14.90
CA GLY A 423 3.22 -0.16 -15.98
C GLY A 423 1.95 -0.89 -16.45
N GLU A 424 1.81 -2.15 -16.03
CA GLU A 424 0.71 -3.03 -16.41
C GLU A 424 0.06 -3.51 -15.12
N LYS A 425 0.84 -4.19 -14.30
CA LYS A 425 0.35 -4.68 -13.04
C LYS A 425 0.76 -3.62 -12.00
N THR A 426 -0.20 -3.22 -11.18
CA THR A 426 0.09 -2.36 -10.03
C THR A 426 -0.32 -2.99 -8.69
N LEU A 427 0.64 -3.10 -7.78
CA LEU A 427 0.33 -3.60 -6.40
C LEU A 427 0.52 -2.54 -5.33
N PHE A 428 -0.33 -2.58 -4.31
CA PHE A 428 -0.22 -1.67 -3.17
C PHE A 428 0.20 -2.42 -1.95
N ASN A 429 1.25 -1.95 -1.27
CA ASN A 429 1.65 -2.55 -0.02
C ASN A 429 1.09 -1.77 1.16
N ILE A 430 0.50 -2.49 2.09
CA ILE A 430 -0.09 -1.94 3.29
C ILE A 430 0.51 -2.53 4.62
N THR A 431 1.62 -3.27 4.58
CA THR A 431 2.26 -3.69 5.84
C THR A 431 3.20 -2.59 6.33
N GLY A 432 3.54 -2.54 7.61
CA GLY A 432 4.43 -1.47 8.08
C GLY A 432 3.88 -0.62 9.21
N ASN A 433 4.73 0.25 9.73
CA ASN A 433 4.24 1.20 10.69
C ASN A 433 5.22 2.34 10.72
N THR A 434 5.02 3.28 11.64
CA THR A 434 5.81 4.49 11.61
C THR A 434 7.25 4.27 12.16
N GLY A 435 7.62 3.08 12.56
CA GLY A 435 9.05 2.86 12.87
C GLY A 435 9.88 2.80 11.58
N LEU A 436 9.24 2.56 10.45
CA LEU A 436 9.98 2.64 9.21
C LEU A 436 10.18 4.12 8.77
N SER A 437 9.54 5.06 9.47
CA SER A 437 9.68 6.48 9.14
C SER A 437 10.92 7.04 9.79
N LYS A 438 12.09 6.61 9.32
CA LYS A 438 13.32 6.87 10.06
C LYS A 438 14.41 6.47 9.12
N GLY A 439 15.44 7.31 9.01
CA GLY A 439 16.55 7.04 8.10
C GLY A 439 17.09 5.63 8.22
N GLY A 440 17.32 5.00 7.08
CA GLY A 440 17.95 3.67 7.07
C GLY A 440 16.99 2.60 6.64
N SER A 441 15.73 2.83 6.90
CA SER A 441 14.79 1.81 6.56
C SER A 441 14.75 1.58 5.04
N GLY A 442 14.94 2.61 4.26
CA GLY A 442 14.93 2.45 2.79
C GLY A 442 16.20 1.74 2.35
N ASP A 443 17.29 2.01 3.01
CA ASP A 443 18.52 1.41 2.62
C ASP A 443 18.43 -0.11 2.84
N VAL A 444 17.71 -0.56 3.86
CA VAL A 444 17.48 -2.00 4.08
C VAL A 444 16.65 -2.57 2.92
N LEU A 445 15.64 -1.82 2.46
CA LEU A 445 14.79 -2.36 1.40
C LEU A 445 15.52 -2.58 0.06
N THR A 446 16.40 -1.65 -0.30
CA THR A 446 17.16 -1.83 -1.54
C THR A 446 17.89 -3.17 -1.56
N GLY A 447 18.52 -3.55 -0.45
CA GLY A 447 19.20 -4.83 -0.32
C GLY A 447 18.27 -6.03 -0.44
N MET A 448 17.11 -5.93 0.22
CA MET A 448 16.10 -6.99 0.14
C MET A 448 15.70 -7.22 -1.32
N ILE A 449 15.35 -6.15 -2.01
CA ILE A 449 14.94 -6.29 -3.41
C ILE A 449 16.06 -6.94 -4.27
N ALA A 450 17.29 -6.39 -4.20
CA ALA A 450 18.43 -6.91 -4.96
C ALA A 450 18.61 -8.38 -4.64
N GLY A 451 18.33 -8.73 -3.38
CA GLY A 451 18.58 -10.06 -2.86
C GLY A 451 17.60 -11.00 -3.49
N PHE A 452 16.35 -10.60 -3.63
CA PHE A 452 15.37 -11.49 -4.22
C PHE A 452 15.56 -11.60 -5.76
N ILE A 453 15.96 -10.53 -6.44
CA ILE A 453 16.33 -10.67 -7.86
C ILE A 453 17.44 -11.72 -7.96
N ALA A 454 18.50 -11.53 -7.20
CA ALA A 454 19.59 -12.50 -7.14
C ALA A 454 19.10 -13.96 -6.98
N GLN A 455 18.03 -14.18 -6.21
CA GLN A 455 17.57 -15.57 -6.02
C GLN A 455 16.63 -16.04 -7.13
N GLY A 456 16.47 -15.19 -8.16
CA GLY A 456 15.76 -15.55 -9.39
C GLY A 456 14.36 -15.01 -9.53
N LEU A 457 13.90 -14.16 -8.64
CA LEU A 457 12.59 -13.63 -8.83
C LEU A 457 12.73 -12.49 -9.82
N SER A 458 11.64 -12.16 -10.48
CA SER A 458 11.67 -11.05 -11.39
C SER A 458 11.73 -9.76 -10.54
N PRO A 459 12.13 -8.63 -11.15
CA PRO A 459 11.99 -7.32 -10.52
C PRO A 459 10.63 -7.03 -9.91
N LEU A 460 9.54 -7.28 -10.59
CA LEU A 460 8.23 -6.99 -10.00
C LEU A 460 8.04 -7.85 -8.76
N GLU A 461 8.35 -9.12 -8.95
CA GLU A 461 8.19 -10.14 -7.93
C GLU A 461 9.02 -9.87 -6.68
N ALA A 462 10.32 -9.66 -6.87
CA ALA A 462 11.25 -9.30 -5.79
C ALA A 462 10.77 -8.06 -5.04
N SER A 463 10.21 -7.10 -5.76
CA SER A 463 9.85 -5.83 -5.21
C SER A 463 8.60 -6.00 -4.34
N THR A 464 7.68 -6.83 -4.81
CA THR A 464 6.44 -7.15 -4.13
C THR A 464 6.69 -7.84 -2.80
N VAL A 465 7.48 -8.91 -2.88
CA VAL A 465 7.87 -9.71 -1.72
C VAL A 465 8.62 -8.82 -0.73
N SER A 466 9.47 -7.93 -1.25
CA SER A 466 10.36 -7.22 -0.39
C SER A 466 9.59 -6.17 0.42
N VAL A 467 8.71 -5.41 -0.23
CA VAL A 467 7.98 -4.36 0.54
C VAL A 467 7.03 -5.01 1.56
N TYR A 468 6.55 -6.21 1.26
CA TYR A 468 5.65 -6.86 2.17
C TYR A 468 6.46 -7.28 3.37
N LEU A 469 7.52 -8.06 3.15
CA LEU A 469 8.30 -8.54 4.27
C LEU A 469 8.93 -7.44 5.12
N HIS A 470 9.45 -6.44 4.46
CA HIS A 470 10.00 -5.23 5.09
C HIS A 470 9.01 -4.60 6.03
N GLY A 471 7.79 -4.39 5.58
CA GLY A 471 6.75 -3.80 6.43
C GLY A 471 6.38 -4.73 7.57
N PHE A 472 6.42 -6.02 7.28
CA PHE A 472 5.94 -6.99 8.24
C PHE A 472 6.96 -7.16 9.38
N ALA A 473 8.24 -7.14 9.03
CA ALA A 473 9.32 -7.07 10.04
C ALA A 473 9.16 -5.88 11.01
N ALA A 474 8.76 -4.74 10.47
CA ALA A 474 8.60 -3.57 11.31
C ALA A 474 7.50 -3.84 12.33
N GLU A 475 6.43 -4.50 11.88
CA GLU A 475 5.27 -4.78 12.75
C GLU A 475 5.65 -5.76 13.84
N LEU A 476 6.61 -6.62 13.60
CA LEU A 476 6.92 -7.62 14.61
C LEU A 476 7.85 -7.11 15.72
N PHE A 477 8.27 -5.84 15.67
CA PHE A 477 9.03 -5.28 16.75
C PHE A 477 8.27 -5.37 18.07
N GLU A 478 8.91 -5.85 19.11
CA GLU A 478 8.21 -6.11 20.34
C GLU A 478 7.99 -4.90 21.26
N GLN A 479 8.64 -3.76 21.01
CA GLN A 479 8.46 -2.55 21.81
C GLN A 479 7.86 -1.45 20.96
N ASP A 480 7.72 -0.24 21.48
CA ASP A 480 7.07 0.79 20.68
C ASP A 480 7.75 1.03 19.32
N GLU A 481 6.94 1.21 18.30
CA GLU A 481 7.43 1.32 16.93
C GLU A 481 8.27 2.54 16.71
N ARG A 482 8.05 3.57 17.50
CA ARG A 482 8.83 4.75 17.27
C ARG A 482 10.30 4.54 17.66
N GLY A 483 10.57 3.52 18.47
CA GLY A 483 11.92 3.22 18.87
C GLY A 483 12.63 2.31 17.91
N LEU A 484 11.92 1.78 16.92
CA LEU A 484 12.54 0.85 15.99
C LEU A 484 13.63 1.55 15.22
N THR A 485 14.73 0.86 14.97
CA THR A 485 15.77 1.35 14.07
C THR A 485 16.19 0.24 13.10
N ALA A 486 16.91 0.63 12.06
CA ALA A 486 17.18 -0.18 10.91
C ALA A 486 17.94 -1.45 11.29
N SER A 487 18.78 -1.35 12.31
CA SER A 487 19.50 -2.52 12.82
C SER A 487 18.58 -3.56 13.39
N GLU A 488 17.59 -3.15 14.16
CA GLU A 488 16.57 -4.09 14.64
C GLU A 488 15.72 -4.68 13.55
N LEU A 489 15.37 -3.84 12.60
CA LEU A 489 14.57 -4.25 11.48
C LEU A 489 15.30 -5.37 10.79
N LEU A 490 16.63 -5.25 10.67
CA LEU A 490 17.41 -6.33 10.01
C LEU A 490 17.14 -7.66 10.70
N ARG A 491 17.21 -7.65 12.02
CA ARG A 491 17.00 -8.87 12.81
C ARG A 491 15.57 -9.44 12.70
N LEU A 492 14.58 -8.59 12.47
CA LEU A 492 13.21 -9.05 12.46
C LEU A 492 12.89 -9.70 11.12
N ILE A 493 13.66 -9.38 10.09
CA ILE A 493 13.34 -9.90 8.76
C ILE A 493 13.19 -11.44 8.73
N PRO A 494 14.20 -12.18 9.25
CA PRO A 494 14.03 -13.65 9.13
C PRO A 494 12.83 -14.15 9.93
N GLU A 495 12.39 -13.37 10.89
CA GLU A 495 11.12 -13.69 11.56
C GLU A 495 9.89 -13.38 10.68
N ALA A 496 9.87 -12.23 9.98
CA ALA A 496 8.74 -11.98 9.09
C ALA A 496 8.58 -13.21 8.17
N ILE A 497 9.69 -13.69 7.60
CA ILE A 497 9.67 -14.82 6.66
C ILE A 497 9.14 -16.12 7.28
N ARG A 498 9.64 -16.47 8.45
CA ARG A 498 9.15 -17.63 9.14
C ARG A 498 7.70 -17.47 9.34
N ARG A 499 7.29 -16.33 9.85
CA ARG A 499 5.86 -16.09 10.13
C ARG A 499 5.01 -16.04 8.90
N LEU A 500 5.57 -15.67 7.77
CA LEU A 500 4.85 -15.82 6.53
C LEU A 500 4.43 -17.25 6.20
N LYS A 501 5.21 -18.25 6.58
CA LYS A 501 5.09 -19.62 5.99
C LYS A 501 4.27 -20.57 6.82
N ALA B 1 -14.26 -17.48 5.94
CA ALA B 1 -13.75 -17.07 4.57
C ALA B 1 -14.80 -16.77 3.44
N TRP B 2 -15.97 -17.42 3.43
CA TRP B 2 -16.92 -17.29 2.29
C TRP B 2 -17.48 -15.85 2.05
N LEU B 3 -18.00 -15.26 3.12
CA LEU B 3 -18.60 -13.96 3.14
C LEU B 3 -17.57 -12.85 3.21
N PHE B 4 -16.62 -13.00 4.11
CA PHE B 4 -15.67 -11.91 4.37
C PHE B 4 -14.23 -12.27 4.09
N GLU B 5 -13.47 -11.21 3.94
CA GLU B 5 -12.06 -11.23 3.71
C GLU B 5 -11.49 -9.97 4.42
N ALA B 6 -10.49 -10.14 5.31
CA ALA B 6 -9.89 -8.96 6.02
C ALA B 6 -8.43 -8.81 5.66
#